data_8DA2
#
_entry.id   8DA2
#
_cell.length_a   91.473
_cell.length_b   91.473
_cell.length_c   105.110
_cell.angle_alpha   90.000
_cell.angle_beta   90.000
_cell.angle_gamma   120.000
#
_symmetry.space_group_name_H-M   'P 32 2 1'
#
loop_
_entity.id
_entity.type
_entity.pdbx_description
1 polymer 'L,D-transpeptidase family protein'
2 water water
#
_entity_poly.entity_id   1
_entity_poly.type   'polypeptide(L)'
_entity_poly.pdbx_seq_one_letter_code
;MSTTEQPLNPNKVSAPVEDPIDPLAVDAASTVKAQAQTQITAQEQNDLNRASTTLQNLQKAEDPNADSGIAASEPTAPAK
TTTASKTATSAPAVSWTLDGLNNAEWYENIGKGQLPVYARAHVMLNNAHASPGAIDGMSGKNTLKAIASFQQMNGLSPTG
ELTKETWDALVAKQNKPAFIEYTITDADLKGPYAQSIPSDYALQAKMKGLYYTRVSEMLGEKFHIDEAFLKKINPTATFK
KVGEKIIVPNVRNDLPEDIHLIIAHKGAKQLYLFNSRNQMIASFPATIGSTDTPSPTGTYKVVGVARNPWYSYSPSNFVQ
GKNLKPLSLPPGPNAPVGNIWIGLSKKSFGIHGTPNPSLISKTASHGCIRLTNWDANDLGNKVRSGVTVKFLE
;
_entity_poly.pdbx_strand_id   A
#
# COMPACT_ATOMS: atom_id res chain seq x y z
N GLN A 37 7.08 14.56 23.97
CA GLN A 37 6.12 13.44 23.79
C GLN A 37 4.93 13.91 22.96
N THR A 38 4.86 15.20 22.64
CA THR A 38 3.78 15.73 21.77
C THR A 38 4.34 16.95 21.04
N GLN A 39 5.66 17.05 20.96
CA GLN A 39 6.32 18.23 20.34
C GLN A 39 6.02 18.30 18.84
N ILE A 40 6.49 19.37 18.19
CA ILE A 40 6.34 19.51 16.72
C ILE A 40 7.09 20.78 16.30
N THR A 41 8.41 20.68 16.14
CA THR A 41 9.19 21.84 15.66
C THR A 41 8.45 22.48 14.49
N ALA A 42 8.54 23.79 14.36
CA ALA A 42 7.90 24.49 13.22
C ALA A 42 8.37 23.86 11.92
N GLN A 43 9.68 23.63 11.78
CA GLN A 43 10.21 23.01 10.55
C GLN A 43 9.30 21.85 10.18
N GLU A 44 9.04 20.95 11.13
CA GLU A 44 8.13 19.82 10.86
C GLU A 44 6.84 20.36 10.27
N GLN A 45 6.12 21.16 11.06
CA GLN A 45 4.83 21.72 10.58
C GLN A 45 5.04 22.25 9.16
N ASN A 46 6.01 23.13 9.00
CA ASN A 46 6.30 23.68 7.65
C ASN A 46 6.49 22.52 6.68
N ASP A 47 7.39 21.59 7.00
CA ASP A 47 7.66 20.53 6.04
C ASP A 47 6.37 19.83 5.61
N LEU A 48 5.47 19.59 6.57
CA LEU A 48 4.19 18.96 6.30
C LEU A 48 3.28 19.86 5.46
N ASN A 49 3.23 21.16 5.78
CA ASN A 49 2.42 22.09 4.99
C ASN A 49 2.88 22.11 3.55
N ARG A 50 4.20 22.18 3.35
CA ARG A 50 4.77 22.13 2.02
C ARG A 50 4.27 20.90 1.28
N ALA A 51 4.41 19.74 1.90
CA ALA A 51 4.05 18.49 1.25
C ALA A 51 2.58 18.47 0.89
N SER A 52 1.70 18.79 1.85
CA SER A 52 0.26 18.68 1.62
C SER A 52 -0.24 19.58 0.51
N THR A 53 0.53 20.59 0.10
CA THR A 53 0.12 21.44 -1.01
C THR A 53 0.52 20.84 -2.34
N THR A 54 1.67 20.17 -2.38
CA THR A 54 1.99 19.30 -3.50
C THR A 54 0.88 18.27 -3.73
N LEU A 55 0.37 17.66 -2.66
CA LEU A 55 -0.69 16.68 -2.79
C LEU A 55 -2.00 17.31 -3.24
N GLN A 56 -2.44 18.38 -2.57
CA GLN A 56 -3.70 19.01 -2.96
C GLN A 56 -3.69 19.40 -4.42
N ASN A 57 -2.54 19.90 -4.91
CA ASN A 57 -2.38 20.15 -6.35
C ASN A 57 -2.37 18.86 -7.14
N LEU A 58 -1.58 17.87 -6.69
CA LEU A 58 -1.58 16.57 -7.35
C LEU A 58 -2.99 16.07 -7.61
N GLN A 59 -3.86 16.17 -6.61
CA GLN A 59 -5.22 15.70 -6.83
C GLN A 59 -5.96 16.58 -7.82
N LYS A 60 -5.70 17.88 -7.81
CA LYS A 60 -6.36 18.72 -8.81
C LYS A 60 -5.97 18.34 -10.23
N ALA A 61 -4.80 17.73 -10.42
CA ALA A 61 -4.31 17.39 -11.75
C ALA A 61 -4.83 16.06 -12.27
N GLU A 62 -5.22 15.14 -11.38
CA GLU A 62 -5.76 13.85 -11.79
C GLU A 62 -6.93 14.02 -12.75
N ASP A 63 -6.98 13.14 -13.76
CA ASP A 63 -8.06 13.07 -14.73
C ASP A 63 -8.96 11.90 -14.36
N PRO A 64 -10.11 12.14 -13.75
CA PRO A 64 -11.01 11.01 -13.39
C PRO A 64 -11.47 10.19 -14.59
N ASN A 65 -11.42 10.78 -15.79
CA ASN A 65 -11.90 10.19 -17.02
C ASN A 65 -10.86 9.30 -17.71
N ALA A 66 -9.62 9.35 -17.27
CA ALA A 66 -8.56 8.56 -17.88
C ALA A 66 -8.98 7.10 -17.91
N ASP A 67 -8.76 6.45 -19.06
CA ASP A 67 -9.17 5.06 -19.20
C ASP A 67 -8.58 4.20 -18.09
N SER A 68 -7.37 4.52 -17.64
CA SER A 68 -6.74 3.69 -16.63
C SER A 68 -7.42 3.77 -15.27
N GLY A 69 -8.49 4.55 -15.11
CA GLY A 69 -9.08 4.71 -13.81
C GLY A 69 -10.44 4.06 -13.64
N ILE A 70 -10.94 3.44 -14.70
CA ILE A 70 -12.29 2.93 -14.70
C ILE A 70 -12.24 1.41 -14.67
N ALA A 71 -13.21 0.79 -14.00
CA ALA A 71 -13.35 -0.67 -14.01
C ALA A 71 -14.31 -1.08 -15.12
N ALA A 72 -14.12 -2.30 -15.62
CA ALA A 72 -15.00 -2.82 -16.68
C ALA A 72 -15.92 -3.94 -16.16
N VAL A 94 -6.07 -11.74 -26.61
CA VAL A 94 -5.06 -11.42 -25.62
C VAL A 94 -4.32 -12.66 -25.11
N SER A 95 -3.05 -12.46 -24.77
CA SER A 95 -2.15 -13.55 -24.42
C SER A 95 -1.64 -13.33 -23.00
N TRP A 96 -1.89 -14.30 -22.12
CA TRP A 96 -1.49 -14.21 -20.72
C TRP A 96 -0.31 -15.14 -20.41
N THR A 97 0.54 -15.39 -21.39
CA THR A 97 1.76 -16.13 -21.14
C THR A 97 2.81 -15.21 -20.51
N LEU A 98 3.87 -15.83 -20.00
CA LEU A 98 5.06 -15.10 -19.54
C LEU A 98 5.70 -14.29 -20.66
N ASP A 99 5.65 -14.75 -21.89
CA ASP A 99 6.28 -13.97 -22.93
C ASP A 99 5.38 -12.84 -23.33
N GLY A 100 4.10 -13.09 -23.38
CA GLY A 100 3.18 -12.03 -23.74
C GLY A 100 3.17 -10.91 -22.73
N LEU A 101 3.15 -11.27 -21.46
CA LEU A 101 3.14 -10.30 -20.39
C LEU A 101 4.34 -9.41 -20.50
N ASN A 102 5.53 -9.99 -20.51
CA ASN A 102 6.78 -9.25 -20.57
C ASN A 102 7.10 -8.43 -21.80
N ASN A 103 6.36 -8.60 -22.87
CA ASN A 103 6.55 -7.88 -24.08
C ASN A 103 5.27 -7.16 -24.42
N ALA A 104 4.51 -6.75 -23.42
CA ALA A 104 3.26 -6.03 -23.65
C ALA A 104 3.58 -4.70 -24.30
N GLU A 105 2.69 -4.18 -25.14
CA GLU A 105 3.12 -3.02 -25.90
C GLU A 105 2.09 -1.91 -25.78
N TRP A 106 2.57 -0.67 -25.71
CA TRP A 106 1.65 0.45 -25.73
C TRP A 106 1.02 0.58 -27.13
N TYR A 107 -0.26 0.89 -27.13
CA TYR A 107 -0.99 1.07 -28.35
C TYR A 107 -2.17 1.98 -28.12
N GLU A 108 -2.61 2.65 -29.16
CA GLU A 108 -3.73 3.58 -29.06
C GLU A 108 -5.02 2.90 -28.67
N ASN A 109 -5.89 3.66 -28.02
CA ASN A 109 -7.18 3.21 -27.57
C ASN A 109 -7.14 1.91 -26.78
N ILE A 110 -6.29 1.85 -25.77
CA ILE A 110 -6.21 0.67 -24.97
C ILE A 110 -7.54 0.44 -24.30
N GLY A 111 -8.10 1.47 -23.71
CA GLY A 111 -9.37 1.38 -23.05
C GLY A 111 -9.33 0.84 -21.64
N LYS A 112 -10.48 0.44 -21.15
CA LYS A 112 -10.61 -0.08 -19.81
C LYS A 112 -10.66 -1.57 -19.82
N GLY A 113 -10.49 -2.17 -18.66
CA GLY A 113 -10.52 -3.63 -18.55
C GLY A 113 -9.25 -4.27 -18.02
N GLN A 114 -9.09 -5.58 -18.27
CA GLN A 114 -7.96 -6.38 -17.76
C GLN A 114 -7.12 -6.85 -18.94
N LEU A 115 -5.97 -6.23 -19.13
CA LEU A 115 -5.14 -6.41 -20.31
C LEU A 115 -3.70 -6.66 -19.92
N PRO A 116 -3.00 -7.50 -20.66
CA PRO A 116 -1.56 -7.68 -20.39
C PRO A 116 -0.80 -6.37 -20.26
N VAL A 117 -1.21 -5.33 -20.98
CA VAL A 117 -0.49 -4.06 -20.92
C VAL A 117 -0.62 -3.44 -19.53
N TYR A 118 -1.84 -3.45 -18.97
CA TYR A 118 -2.00 -2.89 -17.63
C TYR A 118 -1.25 -3.72 -16.60
N ALA A 119 -1.18 -5.05 -16.78
CA ALA A 119 -0.45 -5.87 -15.83
C ALA A 119 1.05 -5.65 -15.92
N ARG A 120 1.57 -5.33 -17.10
CA ARG A 120 3.00 -5.01 -17.16
C ARG A 120 3.26 -3.68 -16.47
N ALA A 121 2.40 -2.69 -16.73
CA ALA A 121 2.48 -1.42 -16.03
C ALA A 121 2.48 -1.61 -14.52
N HIS A 122 1.54 -2.40 -14.01
CA HIS A 122 1.44 -2.65 -12.57
C HIS A 122 2.80 -3.02 -11.99
N VAL A 123 3.46 -4.06 -12.51
CA VAL A 123 4.76 -4.44 -11.95
C VAL A 123 5.73 -3.26 -11.98
N MET A 124 5.74 -2.52 -13.11
CA MET A 124 6.70 -1.45 -13.34
C MET A 124 6.48 -0.27 -12.40
N LEU A 125 5.21 0.06 -12.17
CA LEU A 125 4.86 1.02 -11.13
C LEU A 125 5.37 0.57 -9.77
N ASN A 126 4.91 -0.60 -9.31
CA ASN A 126 5.32 -1.17 -8.03
C ASN A 126 6.83 -1.07 -7.80
N ASN A 127 7.63 -1.21 -8.86
CA ASN A 127 9.08 -1.16 -8.71
C ASN A 127 9.60 0.25 -8.66
N ALA A 128 8.86 1.19 -9.23
CA ALA A 128 9.15 2.60 -9.20
C ALA A 128 8.57 3.28 -7.95
N HIS A 129 8.12 2.49 -6.96
CA HIS A 129 7.65 2.92 -5.66
C HIS A 129 6.28 3.58 -5.69
N ALA A 130 5.62 3.61 -6.85
CA ALA A 130 4.19 3.94 -6.93
C ALA A 130 3.43 2.63 -6.96
N SER A 131 3.30 2.02 -5.78
CA SER A 131 2.66 0.71 -5.67
C SER A 131 1.22 0.78 -6.16
N PRO A 132 0.78 -0.15 -7.01
CA PRO A 132 -0.61 -0.17 -7.46
C PRO A 132 -1.50 -1.06 -6.59
N GLY A 133 -0.92 -1.72 -5.60
CA GLY A 133 -1.68 -2.53 -4.68
C GLY A 133 -1.50 -4.00 -5.00
N ALA A 134 -2.60 -4.72 -5.08
CA ALA A 134 -2.62 -6.09 -5.60
C ALA A 134 -2.57 -6.02 -7.12
N ILE A 135 -1.59 -6.68 -7.74
CA ILE A 135 -1.50 -6.71 -9.20
C ILE A 135 -2.74 -7.41 -9.76
N ASP A 136 -3.30 -6.79 -10.79
CA ASP A 136 -4.62 -7.10 -11.32
C ASP A 136 -4.59 -7.23 -12.82
N GLY A 137 -3.75 -6.41 -13.44
CA GLY A 137 -3.90 -6.09 -14.83
C GLY A 137 -5.14 -5.30 -15.20
N MET A 138 -6.05 -5.00 -14.25
CA MET A 138 -7.22 -4.24 -14.67
C MET A 138 -7.09 -2.77 -14.33
N SER A 139 -7.81 -1.97 -15.12
CA SER A 139 -7.97 -0.56 -14.84
C SER A 139 -8.95 -0.38 -13.68
N GLY A 140 -8.85 0.78 -13.07
CA GLY A 140 -9.61 1.07 -11.86
C GLY A 140 -8.90 2.17 -11.11
N LYS A 141 -9.49 2.56 -9.98
CA LYS A 141 -9.00 3.75 -9.31
C LYS A 141 -7.55 3.58 -8.86
N ASN A 142 -7.24 2.50 -8.12
CA ASN A 142 -5.86 2.26 -7.70
C ASN A 142 -4.87 2.47 -8.84
N THR A 143 -5.21 1.98 -10.03
CA THR A 143 -4.34 2.15 -11.19
C THR A 143 -4.14 3.63 -11.48
N LEU A 144 -5.22 4.41 -11.45
CA LEU A 144 -5.13 5.82 -11.80
C LEU A 144 -4.14 6.55 -10.89
N LYS A 145 -4.26 6.34 -9.58
CA LYS A 145 -3.45 7.08 -8.63
C LYS A 145 -2.00 6.63 -8.64
N ALA A 146 -1.73 5.40 -9.11
CA ALA A 146 -0.36 4.91 -9.10
C ALA A 146 0.43 5.47 -10.27
N ILE A 147 -0.22 5.62 -11.43
CA ILE A 147 0.40 6.29 -12.57
C ILE A 147 0.60 7.78 -12.24
N ALA A 148 -0.45 8.42 -11.73
CA ALA A 148 -0.37 9.80 -11.23
C ALA A 148 0.82 9.99 -10.29
N SER A 149 1.01 9.07 -9.35
CA SER A 149 2.14 9.19 -8.44
C SER A 149 3.45 9.07 -9.19
N PHE A 150 3.52 8.15 -10.16
CA PHE A 150 4.76 7.95 -10.93
C PHE A 150 5.06 9.15 -11.81
N GLN A 151 4.04 9.69 -12.47
CA GLN A 151 4.23 10.90 -13.25
C GLN A 151 4.76 12.05 -12.39
N GLN A 152 4.13 12.28 -11.24
CA GLN A 152 4.62 13.33 -10.35
C GLN A 152 6.10 13.11 -10.03
N MET A 153 6.46 11.93 -9.53
CA MET A 153 7.85 11.72 -9.11
C MET A 153 8.83 11.83 -10.27
N ASN A 154 8.35 11.96 -11.51
CA ASN A 154 9.22 11.84 -12.67
C ASN A 154 9.09 13.04 -13.61
N GLY A 155 8.42 14.10 -13.20
CA GLY A 155 8.47 15.30 -14.02
C GLY A 155 7.51 15.30 -15.17
N LEU A 156 6.53 14.42 -15.18
CA LEU A 156 5.47 14.44 -16.18
C LEU A 156 4.19 14.82 -15.48
N SER A 157 3.29 15.41 -16.23
CA SER A 157 2.06 15.94 -15.62
C SER A 157 1.31 14.82 -14.92
N PRO A 158 1.03 14.94 -13.61
CA PRO A 158 0.45 13.82 -12.85
C PRO A 158 -1.02 13.58 -13.16
N THR A 159 -1.31 13.29 -14.42
CA THR A 159 -2.71 13.17 -14.83
C THR A 159 -3.32 11.79 -14.54
N GLY A 160 -2.51 10.74 -14.44
CA GLY A 160 -3.00 9.39 -14.27
C GLY A 160 -3.34 8.69 -15.57
N GLU A 161 -3.47 9.44 -16.66
CA GLU A 161 -3.66 8.81 -17.95
C GLU A 161 -2.40 8.07 -18.34
N LEU A 162 -2.59 6.89 -18.96
CA LEU A 162 -1.46 6.05 -19.36
C LEU A 162 -1.04 6.42 -20.78
N THR A 163 -0.40 7.58 -20.87
CA THR A 163 0.09 8.05 -22.15
C THR A 163 1.27 7.23 -22.63
N LYS A 164 1.65 7.43 -23.89
CA LYS A 164 2.87 6.80 -24.38
C LYS A 164 4.09 7.41 -23.70
N GLU A 165 4.12 8.74 -23.62
CA GLU A 165 5.20 9.43 -22.90
C GLU A 165 5.41 8.85 -21.51
N THR A 166 4.32 8.72 -20.74
CA THR A 166 4.41 8.10 -19.43
C THR A 166 4.93 6.66 -19.53
N TRP A 167 4.27 5.84 -20.35
CA TRP A 167 4.65 4.43 -20.50
C TRP A 167 6.13 4.28 -20.85
N ASP A 168 6.60 5.01 -21.86
CA ASP A 168 8.00 4.95 -22.26
C ASP A 168 8.92 5.16 -21.06
N ALA A 169 8.68 6.23 -20.28
CA ALA A 169 9.45 6.47 -19.07
C ALA A 169 9.36 5.29 -18.11
N LEU A 170 8.15 4.77 -17.90
CA LEU A 170 7.95 3.65 -17.00
C LEU A 170 8.89 2.48 -17.31
N VAL A 171 8.96 2.11 -18.60
CA VAL A 171 9.83 1.02 -19.04
C VAL A 171 11.31 1.38 -18.88
N ALA A 172 11.64 2.67 -19.05
CA ALA A 172 13.03 3.10 -18.92
C ALA A 172 13.56 3.00 -17.48
N LYS A 173 12.72 3.15 -16.46
CA LYS A 173 13.23 2.89 -15.12
C LYS A 173 13.43 1.40 -14.85
N GLN A 174 13.00 0.55 -15.78
CA GLN A 174 13.03 -0.91 -15.61
C GLN A 174 14.15 -1.50 -16.44
N ASN A 175 15.05 -2.22 -15.79
CA ASN A 175 16.02 -3.00 -16.54
C ASN A 175 15.62 -4.46 -16.70
N LYS A 176 14.85 -4.96 -15.75
CA LYS A 176 14.43 -6.33 -15.53
C LYS A 176 13.06 -6.60 -16.17
N PRO A 177 12.75 -7.85 -16.48
CA PRO A 177 11.40 -8.15 -16.99
C PRO A 177 10.34 -8.02 -15.91
N ALA A 178 9.10 -7.74 -16.36
CA ALA A 178 8.01 -7.57 -15.43
C ALA A 178 7.71 -8.85 -14.67
N PHE A 179 7.78 -10.00 -15.35
CA PHE A 179 7.45 -11.28 -14.71
C PHE A 179 8.60 -12.27 -14.84
N ILE A 180 8.58 -13.27 -13.94
CA ILE A 180 9.60 -14.31 -13.91
C ILE A 180 8.96 -15.66 -13.63
N GLU A 181 9.76 -16.71 -13.90
CA GLU A 181 9.38 -18.09 -13.61
C GLU A 181 9.72 -18.39 -12.15
N TYR A 182 8.77 -18.98 -11.44
CA TYR A 182 8.98 -19.35 -10.05
C TYR A 182 8.57 -20.79 -9.84
N THR A 183 9.32 -21.49 -8.98
CA THR A 183 9.16 -22.92 -8.74
C THR A 183 8.56 -23.10 -7.36
N ILE A 184 7.32 -23.59 -7.31
CA ILE A 184 6.71 -23.92 -6.02
C ILE A 184 7.56 -24.94 -5.29
N THR A 185 7.80 -24.72 -4.00
CA THR A 185 8.74 -25.53 -3.23
C THR A 185 8.05 -26.33 -2.13
N ASP A 186 8.89 -27.00 -1.34
CA ASP A 186 8.41 -27.70 -0.16
C ASP A 186 8.02 -26.73 0.94
N ALA A 187 8.84 -25.70 1.16
CA ALA A 187 8.47 -24.69 2.14
C ALA A 187 7.10 -24.12 1.82
N ASP A 188 6.85 -23.83 0.54
CA ASP A 188 5.56 -23.26 0.14
C ASP A 188 4.41 -24.18 0.52
N LEU A 189 4.55 -25.48 0.26
CA LEU A 189 3.44 -26.40 0.48
C LEU A 189 3.21 -26.71 1.95
N LYS A 190 4.20 -26.40 2.80
CA LYS A 190 4.15 -26.82 4.20
C LYS A 190 3.48 -25.81 5.11
N GLY A 191 3.41 -24.54 4.71
CA GLY A 191 2.85 -23.51 5.55
C GLY A 191 3.75 -23.17 6.72
N PRO A 192 3.21 -23.23 7.97
CA PRO A 192 1.86 -23.64 8.39
C PRO A 192 0.69 -22.88 7.73
N TYR A 193 -0.41 -23.61 7.58
CA TYR A 193 -1.66 -23.08 7.06
C TYR A 193 -2.76 -23.27 8.08
N ALA A 194 -3.92 -22.67 7.79
CA ALA A 194 -5.10 -22.85 8.61
C ALA A 194 -6.25 -23.12 7.66
N GLN A 195 -7.12 -24.05 8.04
CA GLN A 195 -8.17 -24.51 7.12
C GLN A 195 -9.20 -23.42 6.86
N SER A 196 -9.49 -22.62 7.87
CA SER A 196 -10.34 -21.46 7.70
C SER A 196 -9.95 -20.45 8.76
N ILE A 197 -10.23 -19.19 8.46
CA ILE A 197 -10.26 -18.14 9.46
C ILE A 197 -11.73 -17.81 9.64
N PRO A 198 -12.40 -18.34 10.67
CA PRO A 198 -13.75 -17.89 10.98
C PRO A 198 -13.76 -16.39 11.26
N SER A 199 -14.96 -15.82 11.22
CA SER A 199 -15.09 -14.39 11.49
C SER A 199 -15.35 -14.10 12.96
N ASP A 200 -15.90 -15.02 13.69
CA ASP A 200 -16.14 -14.77 15.08
C ASP A 200 -14.79 -14.68 15.73
N TYR A 201 -14.58 -13.70 16.59
CA TYR A 201 -13.29 -13.56 17.25
C TYR A 201 -12.99 -14.68 18.21
N ALA A 202 -14.01 -15.25 18.82
CA ALA A 202 -13.79 -16.33 19.77
C ALA A 202 -13.12 -17.45 19.07
N LEU A 203 -13.66 -17.85 17.93
CA LEU A 203 -13.11 -18.94 17.15
C LEU A 203 -11.71 -18.64 16.73
N GLN A 204 -11.49 -17.42 16.26
CA GLN A 204 -10.17 -17.01 15.84
C GLN A 204 -9.25 -17.13 17.01
N ALA A 205 -9.64 -16.58 18.15
CA ALA A 205 -8.83 -16.62 19.34
C ALA A 205 -8.18 -17.94 19.75
N LYS A 206 -8.88 -19.05 19.56
CA LYS A 206 -8.36 -20.35 19.93
C LYS A 206 -7.35 -20.96 18.98
N MET A 207 -7.10 -20.33 17.85
CA MET A 207 -6.15 -20.87 16.90
C MET A 207 -4.71 -20.58 17.30
N LYS A 208 -3.78 -21.23 16.65
CA LYS A 208 -2.38 -21.04 16.95
C LYS A 208 -1.90 -19.80 16.24
N GLY A 209 -2.49 -19.54 15.08
CA GLY A 209 -2.14 -18.36 14.32
C GLY A 209 -3.16 -18.14 13.23
N LEU A 210 -3.46 -16.88 12.89
CA LEU A 210 -4.28 -16.62 11.71
C LEU A 210 -3.38 -16.64 10.48
N TYR A 211 -3.00 -17.86 10.12
CA TYR A 211 -2.14 -18.16 9.01
C TYR A 211 -2.85 -17.90 7.69
N TYR A 212 -2.07 -17.93 6.62
CA TYR A 212 -2.66 -18.11 5.30
C TYR A 212 -3.48 -19.41 5.24
N THR A 213 -4.51 -19.40 4.39
CA THR A 213 -5.49 -20.49 4.35
C THR A 213 -5.30 -21.48 3.19
N ARG A 214 -4.52 -21.10 2.18
CA ARG A 214 -4.35 -21.92 1.00
C ARG A 214 -3.05 -21.48 0.34
N VAL A 215 -2.52 -22.33 -0.54
CA VAL A 215 -1.18 -22.12 -1.05
C VAL A 215 -1.15 -20.92 -2.00
N SER A 216 -2.16 -20.79 -2.85
CA SER A 216 -2.18 -19.65 -3.75
C SER A 216 -2.39 -18.31 -3.03
N GLU A 217 -3.01 -18.33 -1.84
CA GLU A 217 -3.11 -17.11 -1.03
C GLU A 217 -1.72 -16.64 -0.59
N MET A 218 -0.92 -17.54 -0.01
CA MET A 218 0.41 -17.19 0.46
C MET A 218 1.28 -16.66 -0.66
N LEU A 219 1.23 -17.29 -1.82
CA LEU A 219 2.07 -16.91 -2.95
C LEU A 219 1.64 -15.57 -3.56
N GLY A 220 0.33 -15.28 -3.55
CA GLY A 220 -0.12 -13.98 -4.03
C GLY A 220 0.38 -12.84 -3.17
N GLU A 221 0.30 -12.98 -1.84
CA GLU A 221 0.89 -11.95 -0.99
C GLU A 221 2.40 -11.91 -1.13
N LYS A 222 3.02 -12.99 -1.59
CA LYS A 222 4.47 -13.02 -1.69
C LYS A 222 4.97 -12.26 -2.91
N PHE A 223 4.15 -12.18 -3.95
CA PHE A 223 4.54 -11.51 -5.19
C PHE A 223 3.57 -10.39 -5.53
N HIS A 224 2.87 -9.89 -4.52
CA HIS A 224 2.06 -8.67 -4.61
C HIS A 224 0.95 -8.78 -5.67
N ILE A 225 0.55 -10.00 -6.03
CA ILE A 225 -0.43 -10.22 -7.09
C ILE A 225 -1.75 -10.66 -6.47
N ASP A 226 -2.86 -10.20 -7.04
CA ASP A 226 -4.17 -10.67 -6.63
C ASP A 226 -4.30 -12.17 -6.91
N GLU A 227 -5.02 -12.89 -6.03
CA GLU A 227 -4.99 -14.35 -6.12
C GLU A 227 -5.63 -14.86 -7.42
N ALA A 228 -6.84 -14.39 -7.73
CA ALA A 228 -7.49 -14.76 -8.98
C ALA A 228 -6.63 -14.36 -10.18
N PHE A 229 -5.93 -13.23 -10.10
CA PHE A 229 -5.06 -12.93 -11.22
C PHE A 229 -3.93 -13.95 -11.33
N LEU A 230 -3.31 -14.30 -10.21
CA LEU A 230 -2.29 -15.35 -10.22
C LEU A 230 -2.81 -16.63 -10.88
N LYS A 231 -4.03 -17.04 -10.54
CA LYS A 231 -4.61 -18.24 -11.09
C LYS A 231 -4.90 -18.08 -12.58
N LYS A 232 -5.47 -16.94 -12.97
CA LYS A 232 -5.74 -16.66 -14.37
C LYS A 232 -4.48 -16.82 -15.21
N ILE A 233 -3.37 -16.22 -14.80
CA ILE A 233 -2.16 -16.35 -15.59
C ILE A 233 -1.40 -17.64 -15.34
N ASN A 234 -1.91 -18.50 -14.46
CA ASN A 234 -1.35 -19.85 -14.26
C ASN A 234 -2.51 -20.84 -14.27
N PRO A 235 -3.11 -21.08 -15.44
CA PRO A 235 -4.38 -21.82 -15.46
C PRO A 235 -4.23 -23.32 -15.26
N THR A 236 -3.02 -23.86 -15.43
CA THR A 236 -2.78 -25.28 -15.21
C THR A 236 -2.21 -25.59 -13.84
N ALA A 237 -1.96 -24.55 -13.03
CA ALA A 237 -1.31 -24.76 -11.75
C ALA A 237 -2.29 -25.35 -10.76
N THR A 238 -1.86 -26.40 -10.06
CA THR A 238 -2.65 -26.97 -8.97
C THR A 238 -2.28 -26.40 -7.61
N PHE A 239 -1.06 -25.88 -7.44
CA PHE A 239 -0.52 -25.43 -6.15
C PHE A 239 -0.44 -26.57 -5.13
N LYS A 240 -0.39 -27.81 -5.62
CA LYS A 240 -0.32 -28.97 -4.73
C LYS A 240 0.83 -29.89 -5.08
N LYS A 241 1.71 -29.47 -6.00
CA LYS A 241 2.86 -30.25 -6.42
C LYS A 241 4.11 -29.43 -6.20
N VAL A 242 5.10 -30.02 -5.52
CA VAL A 242 6.42 -29.40 -5.48
C VAL A 242 7.06 -29.50 -6.86
N GLY A 243 7.83 -28.49 -7.23
CA GLY A 243 8.45 -28.46 -8.52
C GLY A 243 7.60 -27.85 -9.60
N GLU A 244 6.31 -27.66 -9.34
CA GLU A 244 5.44 -26.92 -10.26
C GLU A 244 6.06 -25.58 -10.58
N LYS A 245 5.88 -25.11 -11.80
CA LYS A 245 6.43 -23.83 -12.21
C LYS A 245 5.27 -22.90 -12.55
N ILE A 246 5.33 -21.66 -12.01
CA ILE A 246 4.31 -20.63 -12.20
C ILE A 246 4.96 -19.34 -12.65
N ILE A 247 4.13 -18.45 -13.21
CA ILE A 247 4.51 -17.08 -13.59
C ILE A 247 4.10 -16.13 -12.47
N VAL A 248 5.02 -15.26 -12.06
CA VAL A 248 4.82 -14.35 -10.91
C VAL A 248 5.42 -12.99 -11.21
N PRO A 249 4.91 -11.96 -10.51
CA PRO A 249 5.54 -10.62 -10.59
C PRO A 249 6.99 -10.60 -10.13
N ASN A 250 7.78 -9.89 -10.89
CA ASN A 250 9.21 -9.72 -10.64
C ASN A 250 9.44 -8.44 -9.85
N VAL A 251 8.87 -8.41 -8.64
CA VAL A 251 8.70 -7.17 -7.88
C VAL A 251 9.75 -7.09 -6.78
N ARG A 252 10.36 -5.91 -6.63
CA ARG A 252 11.17 -5.64 -5.45
C ARG A 252 11.06 -4.13 -5.18
N ASN A 253 10.16 -3.76 -4.28
CA ASN A 253 10.08 -2.36 -3.94
C ASN A 253 11.00 -2.14 -2.77
N ASP A 254 12.11 -1.48 -3.01
CA ASP A 254 13.00 -1.20 -1.92
C ASP A 254 12.96 0.30 -1.80
N LEU A 255 12.44 0.76 -0.69
CA LEU A 255 12.33 2.18 -0.50
C LEU A 255 13.62 2.72 0.01
N PRO A 256 13.75 4.02 -0.07
CA PRO A 256 14.90 4.80 0.36
C PRO A 256 14.96 4.91 1.85
N GLU A 257 16.09 5.34 2.37
CA GLU A 257 16.25 5.50 3.80
C GLU A 257 16.03 6.94 4.22
N ASP A 258 15.56 7.75 3.28
CA ASP A 258 15.29 9.13 3.43
C ASP A 258 13.90 9.41 3.86
N ILE A 259 13.17 8.44 4.35
CA ILE A 259 11.81 8.72 4.72
C ILE A 259 11.75 9.76 5.81
N HIS A 260 11.16 10.90 5.47
CA HIS A 260 11.10 12.03 6.36
C HIS A 260 9.74 12.30 6.95
N LEU A 261 8.71 12.28 6.12
CA LEU A 261 7.37 12.53 6.61
C LEU A 261 6.40 11.71 5.78
N ILE A 262 5.28 11.35 6.40
CA ILE A 262 4.27 10.49 5.83
C ILE A 262 2.94 11.22 5.87
N ILE A 263 2.26 11.27 4.73
CA ILE A 263 0.91 11.84 4.67
C ILE A 263 -0.08 10.77 4.24
N ALA A 264 -1.15 10.63 5.01
CA ALA A 264 -2.28 9.78 4.63
C ALA A 264 -3.34 10.69 4.05
N HIS A 265 -3.49 10.67 2.72
CA HIS A 265 -4.38 11.59 2.01
C HIS A 265 -5.73 10.91 1.80
N LYS A 266 -6.71 11.25 2.64
CA LYS A 266 -7.94 10.45 2.68
C LYS A 266 -8.74 10.58 1.39
N GLY A 267 -8.82 11.79 0.82
CA GLY A 267 -9.56 11.95 -0.43
C GLY A 267 -9.05 11.07 -1.55
N ALA A 268 -7.73 11.00 -1.70
CA ALA A 268 -7.12 10.19 -2.74
C ALA A 268 -7.07 8.70 -2.39
N LYS A 269 -7.39 8.34 -1.15
CA LYS A 269 -7.27 6.96 -0.65
C LYS A 269 -5.85 6.42 -0.87
N GLN A 270 -4.86 7.24 -0.54
CA GLN A 270 -3.47 6.92 -0.80
C GLN A 270 -2.57 7.38 0.34
N LEU A 271 -1.52 6.62 0.63
CA LEU A 271 -0.50 7.00 1.61
C LEU A 271 0.75 7.46 0.84
N TYR A 272 1.22 8.68 1.09
CA TYR A 272 2.34 9.23 0.33
C TYR A 272 3.56 9.40 1.23
N LEU A 273 4.73 9.10 0.70
CA LEU A 273 5.97 9.24 1.44
C LEU A 273 6.79 10.34 0.79
N PHE A 274 7.30 11.26 1.61
CA PHE A 274 8.16 12.35 1.18
C PHE A 274 9.50 12.27 1.89
N ASN A 275 10.52 12.92 1.32
CA ASN A 275 11.81 13.09 2.00
C ASN A 275 12.02 14.55 2.40
N SER A 276 13.22 14.86 2.89
CA SER A 276 13.48 16.20 3.41
C SER A 276 13.60 17.26 2.31
N ARG A 277 13.67 16.85 1.04
CA ARG A 277 13.75 17.79 -0.08
C ARG A 277 12.37 18.05 -0.70
N ASN A 278 11.30 17.63 -0.04
CA ASN A 278 9.92 17.73 -0.48
C ASN A 278 9.59 16.86 -1.69
N GLN A 279 10.53 16.03 -2.18
CA GLN A 279 10.23 15.08 -3.24
C GLN A 279 9.39 13.94 -2.70
N MET A 280 8.34 13.61 -3.42
CA MET A 280 7.52 12.46 -3.07
C MET A 280 8.20 11.22 -3.64
N ILE A 281 8.43 10.23 -2.79
CA ILE A 281 9.34 9.14 -3.12
C ILE A 281 8.67 7.76 -3.12
N ALA A 282 7.44 7.65 -2.65
CA ALA A 282 6.79 6.36 -2.53
C ALA A 282 5.31 6.61 -2.33
N SER A 283 4.48 5.67 -2.78
CA SER A 283 3.05 5.77 -2.51
C SER A 283 2.43 4.39 -2.52
N PHE A 284 1.32 4.27 -1.80
CA PHE A 284 0.60 3.05 -1.57
C PHE A 284 -0.89 3.36 -1.58
N PRO A 285 -1.74 2.48 -2.10
CA PRO A 285 -3.17 2.62 -1.81
C PRO A 285 -3.38 2.46 -0.32
N ALA A 286 -4.42 3.12 0.19
CA ALA A 286 -4.69 3.07 1.61
C ALA A 286 -6.17 3.25 1.84
N THR A 287 -6.71 2.53 2.82
CA THR A 287 -8.04 2.76 3.34
C THR A 287 -7.89 3.39 4.71
N ILE A 288 -8.22 4.68 4.81
CA ILE A 288 -7.80 5.52 5.94
C ILE A 288 -8.99 5.73 6.88
N GLY A 289 -8.79 5.33 8.14
CA GLY A 289 -9.84 5.46 9.13
C GLY A 289 -11.13 4.76 8.74
N SER A 290 -12.24 5.49 8.86
CA SER A 290 -13.59 4.99 8.64
C SER A 290 -14.37 6.03 7.85
N THR A 291 -15.38 5.57 7.11
CA THR A 291 -16.34 6.47 6.51
C THR A 291 -17.17 7.16 7.61
N ASP A 292 -17.74 8.32 7.28
CA ASP A 292 -18.69 9.06 8.10
C ASP A 292 -18.03 9.79 9.28
N THR A 293 -16.70 9.72 9.44
CA THR A 293 -15.97 10.54 10.42
C THR A 293 -14.73 11.04 9.68
N PRO A 294 -14.40 12.30 9.79
CA PRO A 294 -13.19 12.80 9.12
C PRO A 294 -11.94 12.29 9.82
N SER A 295 -10.79 12.60 9.26
CA SER A 295 -9.53 12.10 9.79
C SER A 295 -8.94 13.06 10.81
N PRO A 296 -8.01 12.60 11.64
CA PRO A 296 -7.45 13.45 12.70
C PRO A 296 -6.68 14.65 12.16
N THR A 297 -6.84 15.79 12.81
CA THR A 297 -6.21 17.03 12.38
C THR A 297 -4.87 17.28 13.06
N GLY A 298 -4.48 16.44 14.02
CA GLY A 298 -3.20 16.57 14.67
C GLY A 298 -2.09 15.83 13.95
N THR A 299 -0.90 15.97 14.50
CA THR A 299 0.32 15.47 13.90
C THR A 299 0.96 14.44 14.83
N TYR A 300 1.40 13.33 14.24
CA TYR A 300 1.83 12.16 14.98
C TYR A 300 3.24 11.79 14.54
N LYS A 301 3.97 11.09 15.42
CA LYS A 301 5.28 10.55 15.10
C LYS A 301 5.23 9.03 15.16
N VAL A 302 6.00 8.38 14.29
CA VAL A 302 6.08 6.92 14.27
C VAL A 302 6.97 6.46 15.43
N VAL A 303 6.43 5.56 16.27
CA VAL A 303 7.13 5.17 17.48
C VAL A 303 7.78 3.80 17.39
N GLY A 304 7.15 2.85 16.66
CA GLY A 304 7.68 1.52 16.60
C GLY A 304 7.08 0.62 15.53
N VAL A 305 7.87 -0.34 15.06
CA VAL A 305 7.43 -1.34 14.09
C VAL A 305 7.28 -2.67 14.80
N ALA A 306 6.04 -3.11 14.97
CA ALA A 306 5.73 -4.39 15.59
C ALA A 306 5.29 -5.36 14.50
N ARG A 307 6.12 -6.37 14.23
CA ARG A 307 5.82 -7.40 13.23
C ARG A 307 5.17 -8.61 13.91
N ASN A 308 4.33 -9.33 13.15
CA ASN A 308 3.51 -10.43 13.62
C ASN A 308 2.86 -10.14 14.98
N PRO A 309 2.08 -9.07 15.10
CA PRO A 309 1.56 -8.69 16.40
C PRO A 309 0.37 -9.56 16.82
N TRP A 310 0.08 -9.49 18.10
CA TRP A 310 -1.12 -10.08 18.67
C TRP A 310 -2.17 -9.00 18.77
N TYR A 311 -3.39 -9.33 18.39
CA TYR A 311 -4.48 -8.37 18.42
C TYR A 311 -5.18 -8.41 19.76
N SER A 312 -5.71 -7.26 20.16
CA SER A 312 -6.45 -7.15 21.40
C SER A 312 -7.83 -6.59 21.09
N TYR A 313 -8.86 -7.40 21.40
CA TYR A 313 -10.26 -7.04 21.20
C TYR A 313 -10.93 -6.84 22.56
N SER A 314 -11.80 -5.84 22.65
CA SER A 314 -12.58 -5.65 23.86
C SER A 314 -13.88 -4.95 23.51
N PRO A 315 -15.00 -5.70 23.53
CA PRO A 315 -16.32 -5.09 23.32
C PRO A 315 -16.64 -4.05 24.40
N LEU A 327 9.95 13.74 34.44
CA LEU A 327 9.66 14.63 35.59
C LEU A 327 8.30 14.33 36.24
N SER A 328 8.08 14.91 37.42
CA SER A 328 6.86 14.65 38.20
C SER A 328 6.69 15.75 39.26
N LEU A 329 5.63 16.55 39.13
CA LEU A 329 5.19 17.78 39.77
C LEU A 329 4.07 17.52 40.78
N PRO A 330 4.15 18.12 41.95
CA PRO A 330 3.15 17.87 43.01
C PRO A 330 1.80 18.46 42.64
N PRO A 331 0.75 18.23 43.42
CA PRO A 331 -0.56 18.82 43.11
C PRO A 331 -0.83 20.12 43.84
N GLY A 332 -1.84 20.83 43.33
CA GLY A 332 -2.29 22.07 43.90
C GLY A 332 -2.97 22.91 42.86
N PRO A 333 -3.57 24.03 43.26
CA PRO A 333 -4.29 24.87 42.30
C PRO A 333 -3.38 25.58 41.33
N ASN A 334 -2.07 25.53 41.55
CA ASN A 334 -1.13 26.25 40.71
C ASN A 334 -0.27 25.31 39.90
N ALA A 335 -0.65 24.04 39.79
CA ALA A 335 -0.04 23.12 38.85
C ALA A 335 -0.36 23.56 37.42
N PRO A 336 0.38 23.04 36.43
CA PRO A 336 0.12 23.46 35.03
C PRO A 336 -1.23 23.04 34.48
N VAL A 337 -1.88 22.05 35.10
CA VAL A 337 -3.28 21.70 34.81
C VAL A 337 -4.23 22.11 35.93
N GLY A 338 -3.74 22.62 37.04
CA GLY A 338 -4.61 22.88 38.17
C GLY A 338 -4.81 21.63 39.00
N ASN A 339 -5.94 21.59 39.70
CA ASN A 339 -6.18 20.52 40.66
C ASN A 339 -7.21 19.51 40.19
N ILE A 340 -7.58 19.51 38.91
CA ILE A 340 -8.52 18.50 38.43
C ILE A 340 -8.17 18.15 36.99
N TRP A 341 -8.25 16.86 36.67
CA TRP A 341 -8.09 16.35 35.31
C TRP A 341 -9.27 15.43 35.00
N ILE A 342 -10.21 15.91 34.20
CA ILE A 342 -11.24 15.06 33.64
C ILE A 342 -10.61 14.37 32.44
N GLY A 343 -10.43 13.06 32.54
CA GLY A 343 -9.68 12.32 31.53
C GLY A 343 -10.53 11.83 30.39
N LEU A 344 -10.10 12.13 29.17
CA LEU A 344 -10.83 11.68 28.00
C LEU A 344 -10.29 10.33 27.51
N SER A 345 -11.14 9.62 26.75
CA SER A 345 -10.78 8.32 26.19
C SER A 345 -9.63 8.46 25.23
N LYS A 346 -8.65 7.58 25.35
CA LYS A 346 -7.46 7.66 24.51
C LYS A 346 -7.66 6.85 23.23
N LYS A 347 -7.13 7.36 22.13
CA LYS A 347 -7.17 6.70 20.85
C LYS A 347 -5.76 6.24 20.50
N SER A 348 -5.66 5.19 19.68
CA SER A 348 -4.39 4.54 19.37
C SER A 348 -4.35 4.14 17.89
N PHE A 349 -3.54 4.85 17.12
CA PHE A 349 -3.50 4.72 15.68
C PHE A 349 -2.22 4.05 15.23
N GLY A 350 -2.35 3.30 14.13
CA GLY A 350 -1.22 2.69 13.47
C GLY A 350 -1.42 2.61 11.97
N ILE A 351 -0.31 2.50 11.27
CA ILE A 351 -0.28 2.01 9.90
C ILE A 351 -0.11 0.50 9.96
N HIS A 352 -1.01 -0.25 9.31
CA HIS A 352 -1.02 -1.71 9.47
C HIS A 352 -1.43 -2.40 8.15
N GLY A 353 -1.56 -3.73 8.21
CA GLY A 353 -1.89 -4.52 7.05
C GLY A 353 -3.34 -4.98 7.03
N THR A 354 -3.65 -5.83 6.06
CA THR A 354 -4.98 -6.30 5.87
C THR A 354 -4.94 -7.76 5.71
N PRO A 355 -6.01 -8.44 6.09
CA PRO A 355 -6.05 -9.87 5.89
C PRO A 355 -6.79 -10.15 4.60
N ASN A 356 -7.09 -11.42 4.38
CA ASN A 356 -7.82 -11.93 3.24
C ASN A 356 -9.06 -11.09 3.04
N PRO A 357 -9.27 -10.59 1.83
CA PRO A 357 -10.42 -9.77 1.39
C PRO A 357 -11.75 -10.16 2.02
N SER A 358 -12.08 -11.45 2.08
CA SER A 358 -13.28 -11.91 2.74
C SER A 358 -13.38 -11.37 4.18
N LEU A 359 -12.31 -11.41 4.95
CA LEU A 359 -12.35 -10.86 6.31
C LEU A 359 -12.62 -9.35 6.26
N ILE A 360 -13.38 -8.86 7.22
CA ILE A 360 -13.77 -7.45 7.29
C ILE A 360 -14.29 -6.91 5.95
N SER A 365 -13.13 3.26 13.14
CA SER A 365 -11.67 3.24 13.06
C SER A 365 -11.03 4.65 13.19
N HIS A 366 -11.59 5.63 12.45
CA HIS A 366 -11.29 7.08 12.51
C HIS A 366 -9.89 7.45 12.03
N GLY A 367 -8.85 6.86 12.61
CA GLY A 367 -7.47 7.24 12.33
C GLY A 367 -6.49 6.09 12.12
N CYS A 368 -6.98 4.87 11.92
CA CYS A 368 -6.10 3.78 11.51
C CYS A 368 -5.86 3.88 10.00
N ILE A 369 -4.71 3.39 9.56
CA ILE A 369 -4.28 3.42 8.16
C ILE A 369 -4.06 1.99 7.66
N ARG A 370 -4.83 1.57 6.66
CA ARG A 370 -4.82 0.19 6.17
C ARG A 370 -4.11 0.09 4.81
N LEU A 371 -3.04 -0.71 4.77
CA LEU A 371 -2.36 -1.07 3.53
C LEU A 371 -2.39 -2.57 3.29
N THR A 372 -1.94 -2.97 2.10
CA THR A 372 -1.69 -4.38 1.85
C THR A 372 -0.51 -4.85 2.70
N ASN A 373 -0.59 -6.11 3.13
CA ASN A 373 0.39 -6.66 4.05
C ASN A 373 1.83 -6.44 3.57
N TRP A 374 2.07 -6.47 2.26
CA TRP A 374 3.42 -6.34 1.74
C TRP A 374 3.87 -4.89 1.65
N ASP A 375 2.94 -3.96 1.40
CA ASP A 375 3.30 -2.55 1.40
C ASP A 375 3.67 -2.08 2.80
N ALA A 376 2.84 -2.42 3.80
CA ALA A 376 3.14 -2.05 5.18
C ALA A 376 4.44 -2.65 5.67
N ASN A 377 4.80 -3.83 5.15
CA ASN A 377 6.07 -4.43 5.55
C ASN A 377 7.25 -3.79 4.82
N ASP A 378 7.07 -3.38 3.56
CA ASP A 378 8.11 -2.61 2.89
C ASP A 378 8.34 -1.30 3.64
N LEU A 379 7.25 -0.64 4.02
CA LEU A 379 7.36 0.55 4.88
C LEU A 379 8.04 0.21 6.18
N GLY A 380 7.64 -0.92 6.79
CA GLY A 380 8.12 -1.26 8.12
C GLY A 380 9.62 -1.47 8.23
N ASN A 381 10.26 -1.85 7.13
CA ASN A 381 11.71 -1.98 7.15
C ASN A 381 12.38 -0.62 7.21
N LYS A 382 11.94 0.32 6.37
CA LYS A 382 12.71 1.53 6.14
C LYS A 382 12.38 2.68 7.10
N VAL A 383 11.13 2.79 7.57
CA VAL A 383 10.75 3.96 8.36
C VAL A 383 11.46 3.93 9.71
N ARG A 384 11.97 5.07 10.14
CA ARG A 384 12.65 5.17 11.42
C ARG A 384 11.70 5.75 12.44
N SER A 385 11.74 5.21 13.65
CA SER A 385 10.94 5.80 14.71
C SER A 385 11.34 7.26 14.81
N GLY A 386 10.40 8.15 14.55
CA GLY A 386 10.68 9.56 14.59
C GLY A 386 9.96 10.33 13.50
N VAL A 387 9.78 9.70 12.33
CA VAL A 387 9.18 10.43 11.22
C VAL A 387 7.77 10.87 11.58
N THR A 388 7.35 11.98 10.99
CA THR A 388 6.09 12.58 11.38
C THR A 388 5.01 12.21 10.37
N VAL A 389 3.80 11.97 10.87
CA VAL A 389 2.67 11.50 10.08
C VAL A 389 1.52 12.48 10.24
N LYS A 390 0.90 12.86 9.12
CA LYS A 390 -0.26 13.73 9.12
C LYS A 390 -1.33 13.18 8.20
N PHE A 391 -2.56 13.58 8.45
CA PHE A 391 -3.69 13.24 7.61
C PHE A 391 -4.04 14.45 6.75
N LEU A 392 -4.75 14.20 5.66
CA LEU A 392 -5.19 15.30 4.81
C LEU A 392 -6.50 14.91 4.15
N GLU A 393 -7.55 15.72 4.33
CA GLU A 393 -8.83 15.49 3.69
C GLU A 393 -8.65 15.54 2.17
#